data_5PHC
#
_entry.id   5PHC
#
_cell.length_a   71.698
_cell.length_b   71.698
_cell.length_c   150.573
_cell.angle_alpha   90.00
_cell.angle_beta   90.00
_cell.angle_gamma   90.00
#
_symmetry.space_group_name_H-M   'P 43 21 2'
#
loop_
_entity.id
_entity.type
_entity.pdbx_description
1 polymer 'Lysine-specific demethylase 4D'
2 non-polymer 'ZINC ION'
3 non-polymer 'NICKEL (II) ION'
4 non-polymer N-OXALYLGLYCINE
5 non-polymer 1,2-ETHANEDIOL
6 non-polymer 'SULFATE ION'
7 non-polymer 2-(2-hydroxyphenyl)phenol
8 water water
#
_entity_poly.entity_id   1
_entity_poly.type   'polypeptide(L)'
_entity_poly.pdbx_seq_one_letter_code
;MHHHHHHSSGVDLGTENLYFQSMETMKSKANCAQNPNCNIMIFHPTKEEFNDFDKYIAYMESQGAHRAGLAKIIPPKEWK
ARETYDNISEILIATPLQQVASGRAGVFTQYHKKKKAMTVGEYRHLANSKKYQTPPHQNFEDLERKYWKNRIYNSPIYGA
DISGSLFDENTKQWNLGHLGTIQDLLEKECGVVIEGVNTPYLYFGMWKTTFAWHTEDMDLYSINYLHLGEPKTWYVVPPE
HGQRLERLARELFPGSSRGCGAFLRHKVALISPTVLKENGIPFNRITQEAGEFMVTFPYGYHAGFNHGFNCAEAINFATP
RWIDYGKMASQCSCGEARVTFSMDAFVRILQPERYDLWKRGQDR
;
_entity_poly.pdbx_strand_id   A
#
# COMPACT_ATOMS: atom_id res chain seq x y z
N ALA A 33 -13.61 20.21 14.71
CA ALA A 33 -12.89 19.34 13.79
C ALA A 33 -13.23 17.87 14.01
N GLN A 34 -13.57 17.17 12.94
CA GLN A 34 -13.96 15.77 13.05
C GLN A 34 -12.75 14.87 13.25
N ASN A 35 -12.91 13.84 14.07
CA ASN A 35 -11.86 12.85 14.35
C ASN A 35 -10.53 13.49 14.79
N PRO A 36 -10.56 14.33 15.83
CA PRO A 36 -9.33 15.04 16.21
C PRO A 36 -8.21 14.13 16.73
N ASN A 37 -8.55 12.97 17.29
CA ASN A 37 -7.52 12.03 17.74
C ASN A 37 -6.96 11.18 16.60
N CYS A 38 -7.47 11.35 15.38
CA CYS A 38 -6.93 10.65 14.20
C CYS A 38 -7.07 9.12 14.30
N ASN A 39 -8.19 8.67 14.84
CA ASN A 39 -8.49 7.24 14.87
C ASN A 39 -8.82 6.67 13.51
N ILE A 40 -8.46 5.42 13.28
CA ILE A 40 -8.91 4.71 12.08
C ILE A 40 -10.41 4.46 12.18
N MET A 41 -11.15 4.97 11.21
CA MET A 41 -12.59 4.80 11.16
C MET A 41 -13.00 3.65 10.25
N ILE A 42 -14.10 3.01 10.59
CA ILE A 42 -14.63 1.87 9.85
C ILE A 42 -16.02 2.24 9.33
N PHE A 43 -16.26 2.03 8.06
CA PHE A 43 -17.51 2.44 7.41
C PHE A 43 -18.29 1.24 6.89
N HIS A 44 -19.61 1.34 6.99
CA HIS A 44 -20.53 0.31 6.52
C HIS A 44 -21.54 0.90 5.54
N PRO A 45 -21.10 1.24 4.32
CA PRO A 45 -22.04 1.82 3.35
C PRO A 45 -23.18 0.88 2.98
N THR A 46 -24.35 1.46 2.76
CA THR A 46 -25.46 0.71 2.20
C THR A 46 -25.21 0.46 0.73
N LYS A 47 -26.02 -0.40 0.11
CA LYS A 47 -25.85 -0.65 -1.32
C LYS A 47 -26.11 0.62 -2.13
N GLU A 48 -27.01 1.47 -1.66
CA GLU A 48 -27.25 2.74 -2.34
C GLU A 48 -26.03 3.68 -2.21
N GLU A 49 -25.45 3.72 -1.03
CA GLU A 49 -24.27 4.55 -0.78
C GLU A 49 -23.03 4.05 -1.52
N PHE A 50 -23.07 2.79 -1.97
CA PHE A 50 -21.94 2.14 -2.62
C PHE A 50 -21.91 2.40 -4.13
N ASN A 51 -22.88 3.13 -4.65
CA ASN A 51 -22.93 3.38 -6.08
C ASN A 51 -21.91 4.40 -6.55
N ASP A 52 -21.80 5.51 -5.83
CA ASP A 52 -20.98 6.64 -6.24
C ASP A 52 -19.69 6.66 -5.42
N PHE A 53 -18.61 6.18 -6.01
CA PHE A 53 -17.34 6.04 -5.31
C PHE A 53 -16.81 7.39 -4.81
N ASP A 54 -16.70 8.36 -5.71
N ASP A 54 -16.74 8.37 -5.69
CA ASP A 54 -16.18 9.68 -5.35
CA ASP A 54 -16.16 9.65 -5.31
C ASP A 54 -16.96 10.30 -4.18
C ASP A 54 -16.97 10.37 -4.22
N LYS A 55 -18.29 10.19 -4.26
CA LYS A 55 -19.16 10.79 -3.26
C LYS A 55 -18.91 10.15 -1.90
N TYR A 56 -18.66 8.84 -1.87
CA TYR A 56 -18.46 8.20 -0.58
C TYR A 56 -17.09 8.52 0.00
N ILE A 57 -16.06 8.65 -0.84
CA ILE A 57 -14.75 9.09 -0.31
C ILE A 57 -14.91 10.48 0.32
N ALA A 58 -15.60 11.38 -0.37
CA ALA A 58 -15.86 12.71 0.18
C ALA A 58 -16.64 12.64 1.50
N TYR A 59 -17.63 11.76 1.58
CA TYR A 59 -18.38 11.58 2.82
C TYR A 59 -17.46 11.13 3.97
N MET A 60 -16.61 10.15 3.71
N MET A 60 -16.61 10.14 3.71
CA MET A 60 -15.70 9.66 4.73
CA MET A 60 -15.70 9.66 4.76
C MET A 60 -14.82 10.79 5.27
C MET A 60 -14.84 10.82 5.26
N GLU A 61 -14.34 11.63 4.35
CA GLU A 61 -13.51 12.77 4.74
C GLU A 61 -14.32 13.82 5.53
N SER A 62 -15.60 13.98 5.20
CA SER A 62 -16.44 14.92 5.96
C SER A 62 -16.56 14.47 7.42
N GLN A 63 -16.36 13.17 7.67
CA GLN A 63 -16.41 12.62 9.02
C GLN A 63 -15.02 12.54 9.65
N GLY A 64 -14.00 13.05 8.95
CA GLY A 64 -12.64 13.09 9.47
C GLY A 64 -11.81 11.83 9.25
N ALA A 65 -12.25 10.94 8.38
CA ALA A 65 -11.55 9.67 8.21
C ALA A 65 -10.09 9.86 7.78
N HIS A 66 -9.84 10.84 6.93
CA HIS A 66 -8.50 11.04 6.39
C HIS A 66 -7.49 11.41 7.47
N ARG A 67 -7.94 11.93 8.59
CA ARG A 67 -6.98 12.35 9.61
C ARG A 67 -6.16 11.16 10.14
N ALA A 68 -6.72 9.95 10.08
CA ALA A 68 -5.98 8.76 10.50
C ALA A 68 -4.91 8.33 9.49
N GLY A 69 -5.12 8.65 8.21
CA GLY A 69 -4.26 8.14 7.15
C GLY A 69 -4.77 6.86 6.50
N LEU A 70 -5.74 6.21 7.13
CA LEU A 70 -6.24 4.90 6.72
C LEU A 70 -7.67 4.75 7.19
N ALA A 71 -8.54 4.18 6.35
CA ALA A 71 -9.90 3.83 6.74
C ALA A 71 -10.23 2.43 6.24
N LYS A 72 -11.13 1.75 6.96
CA LYS A 72 -11.68 0.48 6.50
C LYS A 72 -13.08 0.67 5.98
N ILE A 73 -13.42 0.04 4.85
CA ILE A 73 -14.77 0.05 4.31
C ILE A 73 -15.26 -1.38 4.14
N ILE A 74 -16.33 -1.70 4.84
CA ILE A 74 -16.94 -3.02 4.74
C ILE A 74 -18.09 -2.93 3.74
N PRO A 75 -18.01 -3.67 2.61
CA PRO A 75 -19.06 -3.55 1.59
C PRO A 75 -20.41 -4.04 2.09
N PRO A 76 -21.50 -3.53 1.50
CA PRO A 76 -22.83 -4.02 1.87
C PRO A 76 -22.97 -5.50 1.57
N LYS A 77 -23.84 -6.16 2.33
CA LYS A 77 -23.96 -7.62 2.25
C LYS A 77 -24.40 -8.10 0.87
N GLU A 78 -25.03 -7.22 0.09
CA GLU A 78 -25.52 -7.59 -1.24
C GLU A 78 -24.42 -7.59 -2.31
N TRP A 79 -23.24 -7.09 -1.95
CA TRP A 79 -22.16 -6.89 -2.92
C TRP A 79 -21.19 -8.05 -2.98
N LYS A 80 -20.61 -8.29 -4.16
CA LYS A 80 -19.50 -9.22 -4.28
C LYS A 80 -18.54 -8.80 -5.39
N ALA A 81 -17.26 -9.13 -5.22
CA ALA A 81 -16.24 -8.74 -6.19
C ALA A 81 -16.32 -9.58 -7.46
N ARG A 82 -16.60 -10.87 -7.27
CA ARG A 82 -16.74 -11.84 -8.35
C ARG A 82 -17.45 -13.05 -7.78
N GLU A 83 -17.83 -13.99 -8.64
CA GLU A 83 -18.61 -15.14 -8.21
C GLU A 83 -17.81 -16.11 -7.34
N THR A 84 -16.66 -16.56 -7.82
CA THR A 84 -15.81 -17.47 -7.04
C THR A 84 -14.35 -17.22 -7.35
N TYR A 85 -13.47 -17.73 -6.49
CA TYR A 85 -12.04 -17.66 -6.73
C TYR A 85 -11.48 -19.04 -7.07
N ASP A 86 -12.32 -19.89 -7.64
CA ASP A 86 -11.95 -21.29 -7.89
CA ASP A 86 -11.94 -21.29 -7.87
C ASP A 86 -11.01 -21.47 -9.08
N ASN A 87 -10.87 -20.44 -9.90
CA ASN A 87 -10.14 -20.60 -11.17
CA ASN A 87 -10.14 -20.60 -11.16
C ASN A 87 -8.96 -19.65 -11.34
N ILE A 88 -8.28 -19.33 -10.23
CA ILE A 88 -7.18 -18.37 -10.31
C ILE A 88 -5.78 -19.00 -10.23
N SER A 89 -5.70 -20.32 -10.19
CA SER A 89 -4.41 -20.98 -9.93
C SER A 89 -3.40 -20.86 -11.08
N GLU A 90 -3.88 -20.50 -12.28
CA GLU A 90 -3.00 -20.43 -13.44
C GLU A 90 -2.43 -19.04 -13.70
N ILE A 91 -2.84 -18.05 -12.91
CA ILE A 91 -2.18 -16.75 -12.92
C ILE A 91 -0.69 -16.95 -12.68
N LEU A 92 0.15 -16.24 -13.43
CA LEU A 92 1.59 -16.35 -13.26
C LEU A 92 2.14 -15.24 -12.40
N ILE A 93 2.99 -15.60 -11.44
CA ILE A 93 3.81 -14.67 -10.69
C ILE A 93 5.18 -14.73 -11.35
N ALA A 94 5.42 -13.82 -12.29
CA ALA A 94 6.61 -13.86 -13.12
C ALA A 94 7.90 -13.68 -12.33
N THR A 95 7.84 -12.86 -11.28
CA THR A 95 9.03 -12.56 -10.48
C THR A 95 8.67 -12.53 -9.00
N PRO A 96 8.53 -13.70 -8.38
CA PRO A 96 8.33 -13.72 -6.93
C PRO A 96 9.53 -13.09 -6.23
N LEU A 97 9.29 -12.43 -5.10
CA LEU A 97 10.35 -11.71 -4.42
C LEU A 97 10.60 -12.27 -3.02
N GLN A 98 11.81 -12.72 -2.77
CA GLN A 98 12.19 -13.20 -1.45
C GLN A 98 12.65 -12.00 -0.62
N GLN A 99 11.99 -11.78 0.52
CA GLN A 99 12.21 -10.57 1.31
C GLN A 99 13.20 -10.82 2.43
N VAL A 100 14.45 -10.45 2.20
CA VAL A 100 15.55 -10.78 3.10
C VAL A 100 15.84 -9.59 4.03
N ALA A 101 15.79 -9.82 5.33
CA ALA A 101 15.95 -8.74 6.31
C ALA A 101 17.37 -8.56 6.83
N SER A 102 17.67 -7.33 7.23
CA SER A 102 18.94 -6.97 7.88
CA SER A 102 18.93 -6.98 7.85
C SER A 102 18.67 -5.99 8.98
N GLY A 103 19.29 -6.20 10.14
CA GLY A 103 19.11 -5.25 11.25
C GLY A 103 18.74 -5.93 12.54
N ARG A 104 17.82 -5.32 13.27
N ARG A 104 17.88 -5.30 13.32
CA ARG A 104 17.34 -5.87 14.52
CA ARG A 104 17.37 -5.91 14.56
C ARG A 104 15.86 -6.20 14.38
C ARG A 104 15.86 -6.08 14.48
N ALA A 105 15.30 -6.87 15.39
CA ALA A 105 13.92 -7.33 15.28
C ALA A 105 12.93 -6.21 15.05
N GLY A 106 13.14 -5.07 15.72
CA GLY A 106 12.21 -3.95 15.63
C GLY A 106 12.63 -2.81 14.70
N VAL A 107 13.85 -2.90 14.15
CA VAL A 107 14.38 -1.87 13.25
C VAL A 107 15.21 -2.56 12.19
N PHE A 108 14.65 -2.75 11.00
CA PHE A 108 15.35 -3.50 9.99
C PHE A 108 15.01 -3.00 8.59
N THR A 109 15.85 -3.35 7.63
CA THR A 109 15.52 -3.14 6.23
C THR A 109 15.33 -4.49 5.57
N GLN A 110 14.68 -4.49 4.40
CA GLN A 110 14.55 -5.73 3.64
C GLN A 110 14.91 -5.45 2.19
N TYR A 111 15.58 -6.41 1.56
CA TYR A 111 15.79 -6.29 0.13
C TYR A 111 15.09 -7.45 -0.55
N HIS A 112 14.81 -7.26 -1.83
CA HIS A 112 14.03 -8.22 -2.59
C HIS A 112 14.92 -9.00 -3.53
N LYS A 113 15.05 -10.29 -3.26
CA LYS A 113 15.80 -11.19 -4.12
C LYS A 113 14.84 -11.85 -5.11
N LYS A 114 15.11 -11.69 -6.40
CA LYS A 114 14.23 -12.27 -7.42
C LYS A 114 14.32 -13.79 -7.46
N LYS A 115 13.17 -14.46 -7.55
CA LYS A 115 13.11 -15.91 -7.66
C LYS A 115 12.51 -16.32 -9.01
N LYS A 116 12.60 -17.60 -9.34
CA LYS A 116 12.03 -18.09 -10.59
C LYS A 116 10.50 -18.03 -10.58
N ALA A 117 9.92 -17.87 -11.76
CA ALA A 117 8.48 -17.73 -11.91
C ALA A 117 7.72 -18.93 -11.37
N MET A 118 6.53 -18.69 -10.85
N MET A 118 6.56 -18.67 -10.77
CA MET A 118 5.65 -19.76 -10.45
CA MET A 118 5.63 -19.72 -10.35
C MET A 118 4.20 -19.33 -10.57
C MET A 118 4.20 -19.31 -10.66
N THR A 119 3.30 -20.29 -10.75
CA THR A 119 1.88 -19.99 -10.83
C THR A 119 1.33 -19.71 -9.42
N VAL A 120 0.15 -19.14 -9.36
CA VAL A 120 -0.51 -18.90 -8.08
C VAL A 120 -0.78 -20.22 -7.37
N GLY A 121 -1.13 -21.27 -8.11
CA GLY A 121 -1.30 -22.59 -7.51
C GLY A 121 -0.03 -23.09 -6.84
N GLU A 122 1.11 -22.92 -7.52
CA GLU A 122 2.39 -23.32 -6.94
C GLU A 122 2.75 -22.46 -5.73
N TYR A 123 2.45 -21.17 -5.82
CA TYR A 123 2.74 -20.23 -4.74
C TYR A 123 1.94 -20.57 -3.49
N ARG A 124 0.66 -20.88 -3.69
N ARG A 124 0.66 -20.89 -3.67
CA ARG A 124 -0.22 -21.26 -2.58
CA ARG A 124 -0.19 -21.24 -2.55
C ARG A 124 0.32 -22.49 -1.86
C ARG A 124 0.35 -22.50 -1.85
N HIS A 125 0.74 -23.49 -2.63
CA HIS A 125 1.34 -24.69 -2.07
C HIS A 125 2.62 -24.36 -1.26
N LEU A 126 3.44 -23.47 -1.79
CA LEU A 126 4.64 -23.04 -1.09
C LEU A 126 4.29 -22.32 0.21
N ALA A 127 3.31 -21.42 0.16
CA ALA A 127 2.87 -20.68 1.34
C ALA A 127 2.42 -21.61 2.45
N ASN A 128 1.80 -22.73 2.07
CA ASN A 128 1.23 -23.66 3.04
C ASN A 128 2.20 -24.74 3.50
N SER A 129 3.42 -24.73 2.96
CA SER A 129 4.42 -25.74 3.32
C SER A 129 4.93 -25.50 4.73
N LYS A 130 5.55 -26.51 5.34
CA LYS A 130 6.01 -26.36 6.71
C LYS A 130 6.98 -25.19 6.88
N LYS A 131 7.82 -24.94 5.87
CA LYS A 131 8.82 -23.87 5.95
C LYS A 131 8.18 -22.48 6.05
N TYR A 132 7.04 -22.27 5.39
CA TYR A 132 6.48 -20.93 5.24
C TYR A 132 5.12 -20.71 5.89
N GLN A 133 4.46 -21.77 6.35
N GLN A 133 4.47 -21.78 6.37
CA GLN A 133 3.08 -21.65 6.85
CA GLN A 133 3.11 -21.66 6.86
C GLN A 133 3.00 -20.87 8.16
C GLN A 133 3.00 -20.89 8.17
N THR A 134 1.86 -20.22 8.35
CA THR A 134 1.55 -19.52 9.61
C THR A 134 1.69 -20.47 10.80
N PRO A 135 2.38 -20.03 11.87
CA PRO A 135 2.49 -20.89 13.05
C PRO A 135 1.20 -20.96 13.85
N PRO A 136 1.05 -21.98 14.70
CA PRO A 136 -0.06 -22.00 15.64
C PRO A 136 -0.08 -20.71 16.45
N HIS A 137 -1.26 -20.17 16.71
CA HIS A 137 -1.38 -18.90 17.44
C HIS A 137 -2.77 -18.78 18.03
N GLN A 138 -2.91 -17.95 19.06
CA GLN A 138 -4.16 -17.84 19.79
C GLN A 138 -5.17 -16.88 19.16
N ASN A 139 -4.65 -15.78 18.62
CA ASN A 139 -5.47 -14.70 18.06
C ASN A 139 -4.59 -13.76 17.24
N PHE A 140 -5.16 -12.66 16.72
CA PHE A 140 -4.38 -11.71 15.92
C PHE A 140 -3.24 -11.09 16.73
N GLU A 141 -3.48 -10.81 18.00
CA GLU A 141 -2.48 -10.14 18.85
C GLU A 141 -1.26 -11.05 19.08
N ASP A 142 -1.53 -12.33 19.32
CA ASP A 142 -0.49 -13.33 19.47
C ASP A 142 0.35 -13.42 18.19
N LEU A 143 -0.33 -13.44 17.05
CA LEU A 143 0.38 -13.53 15.79
C LEU A 143 1.22 -12.28 15.54
N GLU A 144 0.69 -11.10 15.88
CA GLU A 144 1.44 -9.85 15.78
C GLU A 144 2.73 -9.88 16.62
N ARG A 145 2.64 -10.38 17.84
N ARG A 145 2.63 -10.38 17.84
CA ARG A 145 3.83 -10.53 18.68
CA ARG A 145 3.78 -10.56 18.71
C ARG A 145 4.86 -11.44 18.04
C ARG A 145 4.84 -11.44 18.06
N LYS A 146 4.39 -12.57 17.50
CA LYS A 146 5.29 -13.50 16.83
C LYS A 146 5.95 -12.87 15.60
N TYR A 147 5.18 -12.10 14.84
CA TYR A 147 5.71 -11.42 13.67
C TYR A 147 6.89 -10.52 14.07
N TRP A 148 6.68 -9.62 15.05
CA TRP A 148 7.75 -8.68 15.34
C TRP A 148 8.92 -9.32 16.08
N LYS A 149 8.67 -10.42 16.77
CA LYS A 149 9.74 -11.15 17.45
CA LYS A 149 9.74 -11.15 17.45
C LYS A 149 10.64 -11.88 16.45
N ASN A 150 10.02 -12.48 15.43
CA ASN A 150 10.69 -13.46 14.58
C ASN A 150 10.85 -13.14 13.10
N ARG A 151 10.24 -12.05 12.63
CA ARG A 151 10.26 -11.75 11.19
C ARG A 151 11.67 -11.79 10.58
N ILE A 152 12.66 -11.20 11.25
CA ILE A 152 13.94 -11.02 10.59
C ILE A 152 14.67 -12.34 10.37
N TYR A 153 14.27 -13.40 11.08
CA TYR A 153 14.97 -14.68 10.99
C TYR A 153 14.44 -15.56 9.87
N ASN A 154 13.50 -15.04 9.09
CA ASN A 154 12.94 -15.76 7.95
C ASN A 154 12.92 -14.88 6.72
N SER A 155 12.83 -15.50 5.54
CA SER A 155 12.76 -14.73 4.31
C SER A 155 11.59 -15.19 3.45
N PRO A 156 10.39 -14.67 3.74
CA PRO A 156 9.18 -15.07 3.01
C PRO A 156 9.22 -14.59 1.56
N ILE A 157 8.40 -15.20 0.72
CA ILE A 157 8.38 -14.87 -0.70
C ILE A 157 7.03 -14.24 -1.02
N TYR A 158 7.07 -13.06 -1.67
N TYR A 158 7.03 -13.08 -1.66
CA TYR A 158 5.91 -12.20 -1.97
CA TYR A 158 5.73 -12.54 -1.99
C TYR A 158 5.68 -12.15 -3.49
C TYR A 158 5.64 -12.10 -3.42
N GLY A 159 4.46 -12.36 -3.96
CA GLY A 159 4.14 -12.10 -5.35
C GLY A 159 3.49 -10.75 -5.47
N ALA A 160 4.29 -9.70 -5.58
CA ALA A 160 3.78 -8.33 -5.52
C ALA A 160 3.81 -7.62 -6.87
N ASP A 161 3.01 -6.57 -6.99
CA ASP A 161 3.03 -5.68 -8.14
C ASP A 161 2.78 -6.41 -9.47
N ILE A 162 1.78 -7.28 -9.49
CA ILE A 162 1.40 -7.99 -10.70
C ILE A 162 0.24 -7.25 -11.38
N SER A 163 0.48 -6.68 -12.56
N SER A 163 0.49 -6.73 -12.57
CA SER A 163 -0.59 -5.96 -13.24
CA SER A 163 -0.56 -6.00 -13.29
C SER A 163 -1.74 -6.91 -13.56
C SER A 163 -1.76 -6.91 -13.60
N GLY A 164 -2.95 -6.53 -13.14
CA GLY A 164 -4.13 -7.35 -13.38
C GLY A 164 -5.25 -7.03 -12.42
N SER A 165 -6.38 -7.70 -12.61
CA SER A 165 -7.55 -7.50 -11.75
C SER A 165 -8.32 -8.80 -11.57
N LEU A 166 -8.91 -8.97 -10.39
CA LEU A 166 -9.80 -10.11 -10.13
C LEU A 166 -11.26 -9.68 -9.96
N PHE A 167 -11.56 -8.41 -10.21
CA PHE A 167 -12.97 -7.98 -10.20
C PHE A 167 -13.66 -8.45 -11.47
N ASP A 168 -14.87 -8.98 -11.33
CA ASP A 168 -15.71 -9.34 -12.47
C ASP A 168 -16.05 -8.07 -13.24
N GLU A 169 -16.01 -8.13 -14.57
CA GLU A 169 -16.30 -6.94 -15.35
C GLU A 169 -17.72 -6.43 -15.10
N ASN A 170 -18.61 -7.32 -14.65
CA ASN A 170 -19.99 -6.94 -14.38
C ASN A 170 -20.21 -6.37 -12.96
N THR A 171 -19.16 -6.34 -12.15
CA THR A 171 -19.23 -5.70 -10.84
C THR A 171 -19.14 -4.20 -11.04
N LYS A 172 -20.23 -3.49 -10.77
CA LYS A 172 -20.32 -2.07 -11.11
C LYS A 172 -19.89 -1.14 -9.98
N GLN A 173 -19.91 -1.63 -8.75
CA GLN A 173 -19.60 -0.80 -7.57
C GLN A 173 -18.22 -1.16 -7.04
N TRP A 174 -17.41 -0.13 -6.80
CA TRP A 174 -16.09 -0.27 -6.18
C TRP A 174 -15.23 -1.32 -6.89
N ASN A 175 -15.31 -1.31 -8.22
CA ASN A 175 -14.48 -2.15 -9.08
C ASN A 175 -13.18 -1.41 -9.31
N LEU A 176 -12.08 -1.92 -8.76
CA LEU A 176 -10.82 -1.17 -8.77
C LEU A 176 -10.19 -1.04 -10.16
N GLY A 177 -10.72 -1.75 -11.15
CA GLY A 177 -10.28 -1.58 -12.53
C GLY A 177 -11.14 -0.62 -13.32
N HIS A 178 -12.17 -0.04 -12.69
CA HIS A 178 -13.08 0.88 -13.36
C HIS A 178 -13.18 2.24 -12.67
N LEU A 179 -12.14 2.64 -11.94
CA LEU A 179 -12.15 3.93 -11.28
C LEU A 179 -11.76 5.06 -12.24
N GLY A 180 -12.23 6.28 -11.95
CA GLY A 180 -11.74 7.45 -12.66
C GLY A 180 -10.23 7.55 -12.55
N THR A 181 -9.57 7.90 -13.65
CA THR A 181 -8.11 7.87 -13.68
C THR A 181 -7.52 9.13 -13.04
N ILE A 182 -6.30 9.01 -12.54
CA ILE A 182 -5.60 10.16 -11.97
CA ILE A 182 -5.66 10.18 -11.96
C ILE A 182 -5.35 11.21 -13.04
N GLN A 183 -5.07 10.75 -14.26
CA GLN A 183 -4.82 11.68 -15.36
C GLN A 183 -6.08 12.50 -15.67
N ASP A 184 -7.25 11.88 -15.63
CA ASP A 184 -8.48 12.64 -15.85
C ASP A 184 -8.78 13.57 -14.69
N LEU A 185 -8.43 13.17 -13.46
CA LEU A 185 -8.62 14.05 -12.31
C LEU A 185 -7.77 15.30 -12.47
N LEU A 186 -6.49 15.13 -12.80
N LEU A 186 -6.49 15.12 -12.82
CA LEU A 186 -5.60 16.26 -12.99
CA LEU A 186 -5.58 16.26 -12.97
C LEU A 186 -6.14 17.18 -14.07
C LEU A 186 -6.09 17.19 -14.09
N GLU A 187 -6.61 16.60 -15.16
CA GLU A 187 -7.16 17.39 -16.25
C GLU A 187 -8.41 18.17 -15.81
N LYS A 188 -9.31 17.51 -15.07
CA LYS A 188 -10.51 18.16 -14.58
C LYS A 188 -10.20 19.32 -13.64
N GLU A 189 -9.18 19.15 -12.80
CA GLU A 189 -8.85 20.15 -11.78
C GLU A 189 -8.00 21.30 -12.29
N CYS A 190 -7.06 20.98 -13.17
N CYS A 190 -7.03 21.03 -13.15
CA CYS A 190 -6.03 21.94 -13.56
CA CYS A 190 -6.14 22.12 -13.55
C CYS A 190 -6.08 22.32 -15.04
C CYS A 190 -6.12 22.38 -15.05
N GLY A 191 -6.90 21.63 -15.81
CA GLY A 191 -7.11 21.94 -17.21
C GLY A 191 -6.09 21.45 -18.20
N VAL A 192 -5.10 20.67 -17.76
CA VAL A 192 -4.10 20.20 -18.70
C VAL A 192 -4.23 18.70 -18.94
N VAL A 193 -4.21 18.33 -20.21
CA VAL A 193 -4.27 16.93 -20.61
C VAL A 193 -2.87 16.34 -20.55
N ILE A 194 -2.75 15.16 -19.96
CA ILE A 194 -1.46 14.50 -19.87
C ILE A 194 -1.52 13.05 -20.32
N GLU A 195 -0.38 12.53 -20.77
CA GLU A 195 -0.22 11.11 -21.05
C GLU A 195 -0.24 10.30 -19.77
N GLY A 196 -0.38 8.99 -19.91
CA GLY A 196 -0.28 8.08 -18.79
C GLY A 196 -1.57 7.30 -18.55
N VAL A 197 -1.40 6.15 -17.91
CA VAL A 197 -2.51 5.30 -17.54
C VAL A 197 -2.29 4.83 -16.11
N ASN A 198 -3.31 4.13 -15.59
N ASN A 198 -3.36 4.41 -15.44
CA ASN A 198 -3.56 3.95 -14.15
CA ASN A 198 -3.15 3.70 -14.20
C ASN A 198 -4.32 2.61 -13.93
C ASN A 198 -4.16 2.61 -14.11
N THR A 199 -3.61 1.46 -13.78
CA THR A 199 -4.33 0.18 -13.70
C THR A 199 -3.99 -0.55 -12.39
N PRO A 200 -4.84 -1.52 -11.98
CA PRO A 200 -4.61 -2.16 -10.69
C PRO A 200 -3.46 -3.17 -10.65
N TYR A 201 -3.04 -3.51 -9.44
N TYR A 201 -2.99 -3.45 -9.43
CA TYR A 201 -2.01 -4.53 -9.23
CA TYR A 201 -1.99 -4.47 -9.14
C TYR A 201 -2.48 -5.56 -8.23
C TYR A 201 -2.60 -5.59 -8.30
N LEU A 202 -2.09 -6.80 -8.48
CA LEU A 202 -2.39 -7.92 -7.59
C LEU A 202 -1.18 -8.24 -6.72
N TYR A 203 -1.47 -8.68 -5.50
CA TYR A 203 -0.47 -9.04 -4.49
C TYR A 203 -0.81 -10.37 -3.89
N PHE A 204 0.03 -11.38 -4.12
CA PHE A 204 -0.13 -12.68 -3.49
C PHE A 204 0.84 -12.77 -2.34
N GLY A 205 0.33 -12.97 -1.11
CA GLY A 205 1.15 -12.94 0.09
C GLY A 205 1.18 -14.26 0.81
N MET A 206 2.10 -14.36 1.77
CA MET A 206 2.18 -15.50 2.67
C MET A 206 2.57 -14.96 4.06
N TRP A 207 2.58 -15.84 5.05
CA TRP A 207 2.99 -15.44 6.40
C TRP A 207 4.31 -14.66 6.38
N LYS A 208 4.32 -13.53 7.09
CA LYS A 208 5.48 -12.66 7.29
C LYS A 208 5.84 -11.79 6.10
N THR A 209 5.17 -11.96 4.96
CA THR A 209 5.34 -11.07 3.85
CA THR A 209 5.45 -11.03 3.86
C THR A 209 5.06 -9.63 4.33
N THR A 210 5.90 -8.67 3.95
CA THR A 210 5.95 -7.38 4.59
C THR A 210 5.88 -6.22 3.62
N PHE A 211 5.09 -5.19 3.94
CA PHE A 211 5.23 -3.95 3.19
C PHE A 211 5.83 -2.87 4.11
N ALA A 212 6.93 -2.29 3.63
CA ALA A 212 7.73 -1.32 4.36
C ALA A 212 7.01 0.02 4.52
N TRP A 213 7.46 0.85 5.46
CA TRP A 213 6.90 2.18 5.67
C TRP A 213 6.98 3.04 4.42
N HIS A 214 5.84 3.58 3.99
CA HIS A 214 5.83 4.41 2.78
C HIS A 214 4.55 5.24 2.71
N THR A 215 4.61 6.33 1.95
CA THR A 215 3.40 6.92 1.40
C THR A 215 3.33 6.53 -0.08
N GLU A 216 2.22 6.81 -0.73
CA GLU A 216 2.10 6.47 -2.15
C GLU A 216 2.92 7.40 -3.02
N ASP A 217 3.20 6.96 -4.25
CA ASP A 217 3.80 7.83 -5.27
C ASP A 217 3.05 9.15 -5.31
N MET A 218 3.79 10.25 -5.27
N MET A 218 3.75 10.28 -5.36
CA MET A 218 3.20 11.58 -5.36
CA MET A 218 3.13 11.61 -5.39
C MET A 218 2.17 11.84 -4.26
C MET A 218 2.19 11.89 -4.23
N ASP A 219 2.29 11.08 -3.17
CA ASP A 219 1.37 11.13 -2.03
C ASP A 219 -0.10 10.99 -2.45
N LEU A 220 -0.33 10.11 -3.42
CA LEU A 220 -1.68 9.76 -3.86
C LEU A 220 -2.46 8.99 -2.80
N TYR A 221 -3.76 8.84 -3.01
CA TYR A 221 -4.51 7.84 -2.26
C TYR A 221 -4.17 6.45 -2.77
N SER A 222 -4.45 5.43 -1.96
CA SER A 222 -4.54 4.08 -2.49
CA SER A 222 -4.52 4.07 -2.46
C SER A 222 -5.81 3.42 -1.95
N ILE A 223 -6.29 2.43 -2.69
CA ILE A 223 -7.37 1.59 -2.21
C ILE A 223 -6.95 0.13 -2.44
N ASN A 224 -7.23 -0.70 -1.45
CA ASN A 224 -6.75 -2.08 -1.36
C ASN A 224 -7.91 -2.98 -0.98
N TYR A 225 -8.21 -3.96 -1.84
CA TYR A 225 -9.25 -4.94 -1.55
C TYR A 225 -8.61 -6.30 -1.27
N LEU A 226 -8.94 -6.90 -0.14
CA LEU A 226 -8.43 -8.24 0.17
C LEU A 226 -9.40 -9.26 -0.40
N HIS A 227 -9.04 -9.84 -1.54
CA HIS A 227 -9.93 -10.75 -2.26
C HIS A 227 -10.19 -12.06 -1.53
N LEU A 228 -9.14 -12.63 -0.95
N LEU A 228 -9.14 -12.63 -0.96
CA LEU A 228 -9.14 -14.04 -0.55
CA LEU A 228 -9.23 -13.96 -0.39
C LEU A 228 -8.03 -14.36 0.44
C LEU A 228 -8.11 -14.22 0.59
N GLY A 229 -8.31 -15.24 1.41
CA GLY A 229 -7.27 -15.77 2.27
C GLY A 229 -7.14 -15.12 3.62
N GLU A 230 -5.92 -15.19 4.16
CA GLU A 230 -5.66 -14.77 5.53
C GLU A 230 -5.52 -13.26 5.63
N PRO A 231 -5.62 -12.71 6.86
CA PRO A 231 -5.63 -11.26 7.00
C PRO A 231 -4.33 -10.53 6.67
N LYS A 232 -4.45 -9.20 6.66
CA LYS A 232 -3.34 -8.27 6.48
CA LYS A 232 -3.32 -8.30 6.53
C LYS A 232 -3.41 -7.26 7.63
N THR A 233 -2.33 -7.12 8.41
CA THR A 233 -2.30 -6.11 9.48
C THR A 233 -1.59 -4.86 8.99
N TRP A 234 -2.19 -3.70 9.27
CA TRP A 234 -1.72 -2.39 8.85
C TRP A 234 -1.32 -1.54 10.04
N TYR A 235 -0.25 -0.75 9.87
CA TYR A 235 0.14 0.33 10.78
C TYR A 235 0.09 1.63 9.99
N VAL A 236 -0.32 2.73 10.61
CA VAL A 236 -0.44 3.99 9.89
C VAL A 236 -0.17 5.19 10.80
N VAL A 237 0.54 6.18 10.26
CA VAL A 237 0.80 7.45 10.94
C VAL A 237 -0.12 8.52 10.34
N PRO A 238 -0.82 9.29 11.19
CA PRO A 238 -1.66 10.39 10.66
C PRO A 238 -0.86 11.30 9.73
N PRO A 239 -1.45 11.71 8.59
CA PRO A 239 -0.74 12.62 7.70
C PRO A 239 -0.20 13.88 8.39
N GLU A 240 -0.92 14.43 9.37
CA GLU A 240 -0.44 15.63 10.02
C GLU A 240 0.84 15.38 10.84
N HIS A 241 1.17 14.12 11.07
CA HIS A 241 2.37 13.78 11.84
C HIS A 241 3.42 13.00 11.04
N GLY A 242 3.27 12.96 9.72
CA GLY A 242 4.20 12.21 8.89
C GLY A 242 5.65 12.59 9.07
N GLN A 243 5.91 13.87 9.29
CA GLN A 243 7.30 14.33 9.42
CA GLN A 243 7.28 14.35 9.43
C GLN A 243 7.95 13.78 10.68
N ARG A 244 7.16 13.47 11.70
CA ARG A 244 7.70 12.83 12.91
C ARG A 244 8.26 11.46 12.58
N LEU A 245 7.55 10.71 11.75
CA LEU A 245 8.05 9.41 11.32
C LEU A 245 9.32 9.58 10.49
N GLU A 246 9.33 10.57 9.61
CA GLU A 246 10.52 10.82 8.78
C GLU A 246 11.75 11.13 9.63
N ARG A 247 11.57 11.96 10.65
CA ARG A 247 12.68 12.31 11.53
C ARG A 247 13.22 11.08 12.27
N LEU A 248 12.34 10.23 12.76
CA LEU A 248 12.78 9.02 13.44
C LEU A 248 13.50 8.09 12.45
N ALA A 249 12.96 7.96 11.25
CA ALA A 249 13.59 7.10 10.26
C ALA A 249 15.02 7.57 9.95
N ARG A 250 15.22 8.89 9.87
N ARG A 250 15.21 8.89 9.85
CA ARG A 250 16.55 9.42 9.60
CA ARG A 250 16.55 9.42 9.60
C ARG A 250 17.53 9.11 10.73
C ARG A 250 17.50 9.03 10.72
N GLU A 251 17.02 9.07 11.95
CA GLU A 251 17.83 8.69 13.11
C GLU A 251 18.15 7.19 13.12
N LEU A 252 17.17 6.36 12.74
CA LEU A 252 17.33 4.91 12.84
C LEU A 252 18.05 4.28 11.66
N PHE A 253 18.06 4.97 10.52
CA PHE A 253 18.72 4.49 9.31
C PHE A 253 19.67 5.56 8.80
N PRO A 254 20.74 5.84 9.56
CA PRO A 254 21.54 7.03 9.28
C PRO A 254 22.29 6.99 7.94
N GLY A 255 22.84 5.83 7.56
CA GLY A 255 23.49 5.72 6.26
C GLY A 255 22.52 5.95 5.10
N SER A 256 21.33 5.36 5.22
CA SER A 256 20.32 5.49 4.18
C SER A 256 19.90 6.95 4.01
N SER A 257 19.77 7.64 5.13
CA SER A 257 19.37 9.04 5.11
C SER A 257 20.41 9.91 4.42
N ARG A 258 21.69 9.66 4.69
CA ARG A 258 22.75 10.41 4.02
C ARG A 258 22.74 10.18 2.52
N GLY A 259 22.34 8.99 2.09
CA GLY A 259 22.31 8.64 0.68
C GLY A 259 21.17 9.27 -0.10
N CYS A 260 20.07 9.57 0.59
CA CYS A 260 18.88 10.10 -0.09
C CYS A 260 17.97 10.85 0.87
N GLY A 261 17.59 12.06 0.49
CA GLY A 261 16.74 12.92 1.30
C GLY A 261 15.31 12.45 1.43
N ALA A 262 14.95 11.44 0.66
CA ALA A 262 13.61 10.85 0.69
C ALA A 262 13.70 9.32 0.64
N PHE A 263 14.56 8.72 1.46
CA PHE A 263 14.85 7.30 1.31
C PHE A 263 13.66 6.39 1.66
N LEU A 264 12.66 6.89 2.39
CA LEU A 264 11.50 6.02 2.62
C LEU A 264 10.78 5.72 1.29
N ARG A 265 11.01 6.54 0.26
CA ARG A 265 10.53 6.25 -1.09
C ARG A 265 11.08 4.93 -1.63
N HIS A 266 12.18 4.44 -1.05
CA HIS A 266 12.79 3.19 -1.50
C HIS A 266 11.96 1.99 -1.04
N LYS A 267 11.09 2.22 -0.05
CA LYS A 267 10.20 1.19 0.48
C LYS A 267 10.94 -0.06 0.96
N VAL A 268 11.93 0.14 1.82
CA VAL A 268 12.68 -0.99 2.39
C VAL A 268 12.80 -0.94 3.93
N ALA A 269 12.29 0.09 4.59
CA ALA A 269 12.53 0.26 6.03
C ALA A 269 11.35 -0.14 6.89
N LEU A 270 11.63 -0.92 7.94
CA LEU A 270 10.61 -1.33 8.91
C LEU A 270 10.99 -0.85 10.30
N ILE A 271 9.98 -0.36 11.02
CA ILE A 271 10.08 0.06 12.41
C ILE A 271 8.86 -0.51 13.12
N SER A 272 9.08 -1.24 14.22
CA SER A 272 8.00 -1.91 14.96
C SER A 272 7.12 -0.96 15.76
N PRO A 273 5.90 -1.39 16.12
CA PRO A 273 5.06 -0.53 16.97
C PRO A 273 5.70 -0.25 18.33
N THR A 274 6.46 -1.20 18.86
CA THR A 274 7.17 -0.96 20.13
C THR A 274 8.17 0.20 20.00
N VAL A 275 8.94 0.19 18.93
CA VAL A 275 9.91 1.26 18.73
C VAL A 275 9.22 2.60 18.44
N LEU A 276 8.12 2.58 17.68
CA LEU A 276 7.35 3.80 17.47
C LEU A 276 6.85 4.37 18.81
N LYS A 277 6.31 3.50 19.65
CA LYS A 277 5.82 3.93 20.97
C LYS A 277 6.95 4.49 21.82
N GLU A 278 8.10 3.83 21.82
CA GLU A 278 9.25 4.29 22.60
C GLU A 278 9.69 5.68 22.21
N ASN A 279 9.48 6.03 20.94
CA ASN A 279 9.89 7.33 20.41
C ASN A 279 8.74 8.33 20.28
N GLY A 280 7.57 8.01 20.85
CA GLY A 280 6.46 8.93 20.87
C GLY A 280 5.84 9.24 19.52
N ILE A 281 5.98 8.34 18.55
CA ILE A 281 5.41 8.57 17.22
C ILE A 281 3.92 8.19 17.24
N PRO A 282 3.04 9.14 16.89
CA PRO A 282 1.61 8.78 16.84
C PRO A 282 1.33 7.80 15.70
N PHE A 283 0.62 6.72 16.00
CA PHE A 283 0.23 5.75 14.97
C PHE A 283 -0.98 4.96 15.43
N ASN A 284 -1.58 4.23 14.49
CA ASN A 284 -2.66 3.31 14.79
C ASN A 284 -2.45 2.02 14.03
N ARG A 285 -3.19 0.99 14.41
CA ARG A 285 -3.11 -0.30 13.74
C ARG A 285 -4.49 -0.89 13.55
N ILE A 286 -4.63 -1.74 12.54
CA ILE A 286 -5.91 -2.42 12.29
C ILE A 286 -5.62 -3.63 11.42
N THR A 287 -6.44 -4.67 11.55
CA THR A 287 -6.30 -5.84 10.70
C THR A 287 -7.45 -5.91 9.70
N GLN A 288 -7.09 -6.05 8.43
CA GLN A 288 -7.99 -6.19 7.30
C GLN A 288 -8.25 -7.67 7.04
N GLU A 289 -9.52 -8.04 6.86
CA GLU A 289 -9.87 -9.42 6.55
C GLU A 289 -10.45 -9.54 5.14
N ALA A 290 -10.51 -10.76 4.63
CA ALA A 290 -11.00 -10.99 3.28
C ALA A 290 -12.40 -10.38 3.12
N GLY A 291 -12.61 -9.71 1.99
CA GLY A 291 -13.88 -9.06 1.71
C GLY A 291 -13.94 -7.61 2.12
N GLU A 292 -12.85 -7.07 2.65
CA GLU A 292 -12.81 -5.69 3.14
C GLU A 292 -11.88 -4.81 2.32
N PHE A 293 -12.28 -3.55 2.14
CA PHE A 293 -11.45 -2.52 1.52
C PHE A 293 -10.72 -1.69 2.57
N MET A 294 -9.50 -1.28 2.25
CA MET A 294 -8.78 -0.24 3.00
C MET A 294 -8.47 0.90 2.04
N VAL A 295 -8.63 2.13 2.52
CA VAL A 295 -8.18 3.29 1.76
C VAL A 295 -7.07 3.99 2.54
N THR A 296 -5.95 4.26 1.88
CA THR A 296 -4.95 5.15 2.46
C THR A 296 -5.09 6.54 1.86
N PHE A 297 -4.86 7.54 2.69
CA PHE A 297 -5.09 8.92 2.32
C PHE A 297 -3.76 9.61 2.05
N PRO A 298 -3.80 10.72 1.27
CA PRO A 298 -2.55 11.41 0.91
C PRO A 298 -1.63 11.66 2.11
N TYR A 299 -0.38 11.23 1.97
CA TYR A 299 0.70 11.43 2.94
C TYR A 299 0.44 10.66 4.25
N GLY A 300 -0.38 9.61 4.16
CA GLY A 300 -0.54 8.68 5.29
C GLY A 300 0.48 7.55 5.20
N TYR A 301 1.55 7.63 5.99
CA TYR A 301 2.57 6.56 6.02
C TYR A 301 1.94 5.28 6.52
N HIS A 302 2.22 4.17 5.85
CA HIS A 302 1.72 2.88 6.29
C HIS A 302 2.73 1.77 6.05
N ALA A 303 2.57 0.68 6.81
CA ALA A 303 3.41 -0.52 6.74
C ALA A 303 2.55 -1.68 7.24
N GLY A 304 3.00 -2.90 7.02
CA GLY A 304 2.25 -4.02 7.57
C GLY A 304 2.73 -5.37 7.11
N PHE A 305 1.92 -6.39 7.39
CA PHE A 305 2.33 -7.76 7.08
C PHE A 305 1.12 -8.64 6.84
N ASN A 306 1.34 -9.73 6.11
CA ASN A 306 0.30 -10.71 5.85
C ASN A 306 0.34 -11.88 6.84
N HIS A 307 -0.82 -12.40 7.20
CA HIS A 307 -0.94 -13.46 8.19
C HIS A 307 -0.69 -14.87 7.63
N GLY A 308 -0.81 -15.03 6.32
CA GLY A 308 -0.79 -16.33 5.67
C GLY A 308 -1.12 -16.12 4.20
N PHE A 309 -1.36 -17.19 3.45
CA PHE A 309 -1.65 -17.06 2.03
C PHE A 309 -2.85 -16.14 1.81
N ASN A 310 -2.67 -15.14 0.94
CA ASN A 310 -3.78 -14.28 0.58
C ASN A 310 -3.55 -13.61 -0.77
N CYS A 311 -4.58 -12.92 -1.23
CA CYS A 311 -4.51 -12.16 -2.47
C CYS A 311 -5.25 -10.85 -2.29
N ALA A 312 -4.53 -9.76 -2.55
CA ALA A 312 -5.10 -8.42 -2.52
C ALA A 312 -4.95 -7.74 -3.87
N GLU A 313 -5.82 -6.76 -4.13
CA GLU A 313 -5.74 -5.93 -5.33
C GLU A 313 -5.72 -4.49 -4.89
N ALA A 314 -4.84 -3.67 -5.48
CA ALA A 314 -4.74 -2.28 -5.07
C ALA A 314 -4.47 -1.37 -6.27
N ILE A 315 -4.85 -0.10 -6.12
CA ILE A 315 -4.58 0.89 -7.15
C ILE A 315 -4.50 2.27 -6.48
N ASN A 316 -3.74 3.18 -7.07
CA ASN A 316 -3.75 4.57 -6.64
C ASN A 316 -4.89 5.33 -7.27
N PHE A 317 -5.38 6.35 -6.57
CA PHE A 317 -6.37 7.24 -7.14
C PHE A 317 -6.22 8.64 -6.54
N ALA A 318 -6.93 9.60 -7.13
CA ALA A 318 -6.85 10.99 -6.73
C ALA A 318 -8.24 11.59 -6.55
N THR A 319 -8.31 12.68 -5.80
CA THR A 319 -9.51 13.50 -5.64
C THR A 319 -9.05 14.96 -5.73
N PRO A 320 -10.00 15.91 -5.77
CA PRO A 320 -9.52 17.31 -5.78
C PRO A 320 -8.63 17.66 -4.58
N ARG A 321 -8.89 17.07 -3.42
CA ARG A 321 -8.08 17.38 -2.23
C ARG A 321 -6.64 16.90 -2.35
N TRP A 322 -6.39 15.92 -3.22
CA TRP A 322 -5.03 15.42 -3.39
C TRP A 322 -4.08 16.43 -4.03
N ILE A 323 -4.59 17.32 -4.89
CA ILE A 323 -3.72 18.14 -5.73
C ILE A 323 -2.66 18.87 -4.89
N ASP A 324 -3.07 19.47 -3.77
CA ASP A 324 -2.10 20.19 -2.94
C ASP A 324 -1.03 19.26 -2.33
N TYR A 325 -1.39 18.02 -2.02
CA TYR A 325 -0.41 17.04 -1.57
C TYR A 325 0.55 16.67 -2.70
N GLY A 326 0.03 16.48 -3.90
CA GLY A 326 0.88 16.16 -5.03
C GLY A 326 1.92 17.23 -5.29
N LYS A 327 1.51 18.49 -5.15
CA LYS A 327 2.41 19.64 -5.34
C LYS A 327 3.57 19.65 -4.36
N MET A 328 3.34 19.10 -3.17
CA MET A 328 4.31 19.19 -2.07
C MET A 328 5.07 17.89 -1.82
N ALA A 329 4.73 16.83 -2.55
CA ALA A 329 5.32 15.51 -2.30
C ALA A 329 6.83 15.52 -2.44
N SER A 330 7.52 14.89 -1.49
N SER A 330 7.50 14.91 -1.47
CA SER A 330 8.98 14.79 -1.52
CA SER A 330 8.93 14.69 -1.57
C SER A 330 9.44 13.63 -2.41
C SER A 330 9.23 13.79 -2.75
N GLN A 331 10.44 13.88 -3.25
CA GLN A 331 10.87 12.94 -4.27
C GLN A 331 12.24 12.36 -4.02
N CYS A 332 12.39 11.10 -4.41
CA CYS A 332 13.69 10.47 -4.49
C CYS A 332 14.32 10.77 -5.84
N SER A 333 15.54 11.28 -5.82
CA SER A 333 16.27 11.55 -7.05
C SER A 333 17.61 10.82 -7.06
N CYS A 334 17.82 9.92 -6.10
CA CYS A 334 19.10 9.21 -5.98
C CYS A 334 19.17 8.01 -6.92
N GLY A 335 18.04 7.67 -7.52
CA GLY A 335 18.00 6.57 -8.47
C GLY A 335 17.37 5.29 -7.96
N GLU A 336 17.28 5.14 -6.64
CA GLU A 336 16.79 3.90 -6.06
C GLU A 336 15.30 3.66 -6.31
N ALA A 337 14.49 4.70 -6.11
CA ALA A 337 13.02 4.54 -6.12
C ALA A 337 12.49 3.95 -7.42
N ARG A 338 12.82 4.57 -8.55
CA ARG A 338 12.45 4.06 -9.89
C ARG A 338 10.98 3.69 -10.03
N VAL A 339 10.19 4.59 -10.61
CA VAL A 339 8.74 4.41 -10.64
C VAL A 339 8.13 4.35 -12.04
N THR A 340 6.80 4.26 -12.05
CA THR A 340 6.03 4.20 -13.27
C THR A 340 6.24 5.36 -14.22
N PHE A 341 6.07 5.18 -15.53
N PHE A 341 6.05 5.02 -15.49
CA PHE A 341 6.26 6.37 -16.36
CA PHE A 341 5.93 5.92 -16.64
C PHE A 341 5.07 7.30 -16.22
C PHE A 341 5.03 7.10 -16.33
N SER A 342 4.00 6.81 -15.61
N SER A 342 3.92 6.84 -15.67
CA SER A 342 2.83 7.62 -15.33
CA SER A 342 2.89 7.84 -15.49
C SER A 342 3.18 8.80 -14.41
C SER A 342 3.25 8.91 -14.46
N MET A 343 4.22 8.62 -13.60
CA MET A 343 4.61 9.63 -12.63
C MET A 343 5.31 10.83 -13.28
N ASP A 344 5.89 10.64 -14.45
CA ASP A 344 6.59 11.72 -15.14
C ASP A 344 5.72 12.97 -15.27
N ALA A 345 4.51 12.79 -15.78
CA ALA A 345 3.61 13.92 -16.00
C ALA A 345 3.21 14.59 -14.70
N PHE A 346 3.04 13.81 -13.63
N PHE A 346 3.08 13.84 -13.62
CA PHE A 346 2.67 14.37 -12.34
CA PHE A 346 2.67 14.45 -12.36
C PHE A 346 3.76 15.34 -11.87
C PHE A 346 3.77 15.31 -11.75
N VAL A 347 5.02 14.90 -11.90
CA VAL A 347 6.13 15.73 -11.47
C VAL A 347 6.28 16.92 -12.42
N ARG A 348 6.17 16.66 -13.72
CA ARG A 348 6.35 17.70 -14.73
C ARG A 348 5.38 18.86 -14.56
N ILE A 349 4.11 18.55 -14.29
CA ILE A 349 3.09 19.58 -14.18
C ILE A 349 3.01 20.15 -12.75
N LEU A 350 3.05 19.29 -11.73
CA LEU A 350 2.84 19.79 -10.37
C LEU A 350 4.11 20.30 -9.71
N GLN A 351 5.27 19.81 -10.15
N GLN A 351 5.27 19.78 -10.11
CA GLN A 351 6.55 20.17 -9.52
CA GLN A 351 6.53 20.23 -9.52
C GLN A 351 7.63 20.54 -10.56
C GLN A 351 7.58 20.50 -10.60
N PRO A 352 7.33 21.52 -11.43
CA PRO A 352 8.29 21.80 -12.51
C PRO A 352 9.70 22.15 -12.04
N GLU A 353 9.88 22.76 -10.87
CA GLU A 353 11.22 23.07 -10.39
CA GLU A 353 11.23 23.06 -10.42
C GLU A 353 12.03 21.80 -10.09
N ARG A 354 11.34 20.75 -9.64
CA ARG A 354 12.00 19.51 -9.24
C ARG A 354 12.18 18.55 -10.40
N TYR A 355 11.52 18.82 -11.51
CA TYR A 355 11.39 17.85 -12.60
C TYR A 355 12.74 17.39 -13.17
N ASP A 356 13.61 18.34 -13.49
CA ASP A 356 14.89 18.00 -14.11
C ASP A 356 15.72 17.07 -13.22
N LEU A 357 15.86 17.42 -11.94
CA LEU A 357 16.62 16.61 -11.00
C LEU A 357 16.00 15.22 -10.82
N TRP A 358 14.67 15.18 -10.70
CA TRP A 358 13.98 13.91 -10.53
C TRP A 358 14.18 13.02 -11.75
N LYS A 359 14.06 13.60 -12.94
CA LYS A 359 14.13 12.82 -14.16
C LYS A 359 15.52 12.20 -14.34
N ARG A 360 16.56 12.91 -13.93
CA ARG A 360 17.91 12.37 -13.91
C ARG A 360 17.98 11.11 -13.06
N GLY A 361 17.25 11.13 -11.95
CA GLY A 361 17.19 10.00 -11.05
C GLY A 361 16.55 8.79 -11.70
N GLN A 362 15.64 9.04 -12.63
CA GLN A 362 14.92 7.94 -13.28
C GLN A 362 15.76 7.30 -14.40
N ASP A 363 16.91 7.89 -14.70
CA ASP A 363 17.94 7.21 -15.50
C ASP A 363 19.19 7.02 -14.65
#